data_177D
#
_entry.id   177D
#
_cell.length_a   1.000
_cell.length_b   1.000
_cell.length_c   1.000
_cell.angle_alpha   90.00
_cell.angle_beta   90.00
_cell.angle_gamma   90.00
#
_symmetry.space_group_name_H-M   'P 1'
#
_entity_poly.entity_id   1
_entity_poly.type   'polydeoxyribonucleotide'
_entity_poly.pdbx_seq_one_letter_code
;(DG)(DA)(DA)(DC)(DA)(DG)(DG)(DT)(DT)(DT)(DT)(DT)(DC)(DC)(DT)(DG)(DT)(DT)(DC)(DT)
(DT)(DT)(DT)(DT)(DC)(DT)(DT)(DT)(DT)(DC)(DC)
;
_entity_poly.pdbx_strand_id   A
#